data_2PHW
#
_entry.id   2PHW
#
_cell.length_a   56.694
_cell.length_b   83.205
_cell.length_c   122.919
_cell.angle_alpha   90.000
_cell.angle_beta   90.000
_cell.angle_gamma   90.000
#
_symmetry.space_group_name_H-M   'P 21 21 21'
#
loop_
_entity.id
_entity.type
_entity.pdbx_description
1 polymer Lectin
2 branched alpha-D-mannopyranose-(1-3)-alpha-D-mannopyranose
3 branched alpha-D-mannopyranose-(1-2)-alpha-D-mannopyranose-(1-3)-[alpha-D-mannopyranose-(1-2)-alpha-D-mannopyranose-(1-6)]alpha-D-mannopyranose-(1-6)-beta-D-mannopyranose-(1-4)-alpha-D-mannopyranose
4 non-polymer 'MANGANESE (II) ION'
5 non-polymer 'CALCIUM ION'
6 water water
#
_entity_poly.entity_id   1
_entity_poly.type   'polypeptide(L)'
_entity_poly.pdbx_seq_one_letter_code
;(PCA)DSLSFGFPTFPSDQKNLIFQGDAQIKNNAVQLTKTDSNGNPVASTVGRILFSAQVHLWEKSSSRVANFQSQFSFS
LKSPLSNGADGIAFFIAPPDTTIPSGSGGGLLGLFAPGTAQNTSANQVIAVEFDTFYAQDSNTWDPNYPHIGIDVNSIRS
VKTVKWDRRDGQSLNVLVTFNPSTRNLDVVATYSDGTRYEVSYEVDVRSVLPEWVRVGFSAASGEQYQTHTLESWSFTST
LLYTAQKKGENLALEM
;
_entity_poly.pdbx_strand_id   A,B
#
# COMPACT_ATOMS: atom_id res chain seq x y z
N ASP A 2 6.34 -8.61 -1.93
CA ASP A 2 7.68 -8.74 -1.37
C ASP A 2 8.23 -7.35 -1.06
N SER A 3 7.76 -6.35 -1.81
CA SER A 3 8.21 -4.98 -1.58
C SER A 3 7.03 -4.03 -1.54
N LEU A 4 7.15 -3.00 -0.72
CA LEU A 4 6.09 -2.01 -0.57
C LEU A 4 6.70 -0.66 -0.19
N SER A 5 6.22 0.41 -0.80
CA SER A 5 6.71 1.72 -0.42
C SER A 5 5.61 2.75 -0.62
N PHE A 6 5.63 3.80 0.20
CA PHE A 6 4.64 4.85 0.07
C PHE A 6 5.23 6.14 0.62
N GLY A 7 4.76 7.27 0.11
CA GLY A 7 5.26 8.54 0.59
C GLY A 7 4.21 9.61 0.76
N PHE A 8 4.24 10.26 1.92
CA PHE A 8 3.32 11.34 2.24
C PHE A 8 4.15 12.61 2.48
N PRO A 9 4.36 13.44 1.45
CA PRO A 9 5.14 14.67 1.63
C PRO A 9 4.41 15.60 2.59
N THR A 10 3.08 15.52 2.54
CA THR A 10 2.18 16.29 3.40
C THR A 10 0.96 15.41 3.57
N PHE A 11 0.01 15.85 4.39
CA PHE A 11 -1.20 15.08 4.64
C PHE A 11 -2.50 15.81 4.35
N PRO A 12 -2.92 15.83 3.07
CA PRO A 12 -4.18 16.51 2.70
C PRO A 12 -5.36 15.84 3.42
N SER A 13 -6.45 16.59 3.58
CA SER A 13 -7.63 16.09 4.28
C SER A 13 -8.26 14.85 3.66
N ASP A 14 -8.11 14.71 2.34
CA ASP A 14 -8.67 13.60 1.60
C ASP A 14 -7.81 12.33 1.72
N GLN A 15 -7.95 11.60 2.82
CA GLN A 15 -7.16 10.38 3.03
C GLN A 15 -8.00 9.12 2.87
N LYS A 16 -7.42 8.10 2.24
CA LYS A 16 -8.12 6.86 2.00
C LYS A 16 -7.42 5.62 2.57
N ASN A 17 -6.10 5.68 2.71
CA ASN A 17 -5.34 4.54 3.21
C ASN A 17 -4.80 4.63 4.64
N LEU A 18 -5.38 5.51 5.44
CA LEU A 18 -4.94 5.63 6.82
C LEU A 18 -6.02 5.19 7.80
N ILE A 19 -5.62 4.47 8.83
CA ILE A 19 -6.54 4.02 9.87
C ILE A 19 -6.33 4.98 11.04
N PHE A 20 -7.35 5.77 11.35
CA PHE A 20 -7.26 6.73 12.45
C PHE A 20 -7.82 6.10 13.72
N GLN A 21 -7.10 6.22 14.82
CA GLN A 21 -7.55 5.66 16.08
C GLN A 21 -7.47 6.74 17.15
N GLY A 22 -8.37 6.71 18.12
CA GLY A 22 -8.33 7.72 19.17
C GLY A 22 -8.67 9.10 18.65
N ASP A 23 -7.92 10.11 19.09
CA ASP A 23 -8.18 11.48 18.68
C ASP A 23 -7.46 11.96 17.43
N ALA A 24 -6.71 11.09 16.77
CA ALA A 24 -5.96 11.49 15.57
C ALA A 24 -6.83 12.02 14.44
N GLN A 25 -6.41 13.13 13.86
CA GLN A 25 -7.14 13.72 12.74
C GLN A 25 -6.24 14.63 11.92
N ILE A 26 -6.64 14.86 10.67
CA ILE A 26 -5.88 15.73 9.77
C ILE A 26 -6.33 17.17 9.94
N LYS A 27 -5.36 18.07 10.05
CA LYS A 27 -5.64 19.50 10.19
C LYS A 27 -4.45 20.26 9.60
N ASN A 28 -4.74 21.20 8.71
CA ASN A 28 -3.70 22.00 8.08
C ASN A 28 -2.61 21.15 7.40
N ASN A 29 -3.02 20.18 6.59
CA ASN A 29 -2.10 19.33 5.85
C ASN A 29 -1.11 18.52 6.69
N ALA A 30 -1.44 18.32 7.96
CA ALA A 30 -0.58 17.52 8.83
C ALA A 30 -1.48 16.65 9.69
N VAL A 31 -0.90 15.61 10.29
CA VAL A 31 -1.66 14.74 11.16
C VAL A 31 -1.48 15.21 12.60
N GLN A 32 -2.58 15.57 13.25
CA GLN A 32 -2.52 15.98 14.66
C GLN A 32 -2.89 14.71 15.42
N LEU A 33 -1.89 14.05 16.00
CA LEU A 33 -2.15 12.82 16.72
C LEU A 33 -2.97 13.02 17.99
N THR A 34 -2.72 14.12 18.68
CA THR A 34 -3.45 14.42 19.91
C THR A 34 -4.41 15.57 19.69
N LYS A 35 -5.52 15.55 20.43
CA LYS A 35 -6.56 16.55 20.33
C LYS A 35 -6.13 18.00 20.62
N THR A 36 -6.75 18.92 19.89
CA THR A 36 -6.48 20.35 20.06
C THR A 36 -7.83 21.05 20.10
N ASP A 37 -7.89 22.24 20.67
CA ASP A 37 -9.15 22.97 20.73
C ASP A 37 -9.37 23.80 19.47
N SER A 38 -10.34 24.70 19.52
CA SER A 38 -10.67 25.56 18.38
C SER A 38 -9.52 26.50 18.03
N ASN A 39 -8.89 27.06 19.07
CA ASN A 39 -7.77 27.98 18.86
C ASN A 39 -6.58 27.22 18.30
N GLY A 40 -6.61 25.89 18.41
CA GLY A 40 -5.53 25.07 17.91
C GLY A 40 -4.52 24.69 18.98
N ASN A 41 -4.87 24.95 20.24
CA ASN A 41 -3.98 24.64 21.36
C ASN A 41 -4.20 23.22 21.87
N PRO A 42 -3.13 22.59 22.37
CA PRO A 42 -3.19 21.23 22.90
C PRO A 42 -4.04 21.13 24.16
N VAL A 43 -4.64 19.97 24.38
CA VAL A 43 -5.46 19.73 25.55
C VAL A 43 -4.96 18.48 26.28
N ALA A 44 -5.29 18.38 27.56
CA ALA A 44 -4.87 17.24 28.36
C ALA A 44 -5.73 16.01 28.08
N SER A 45 -5.26 14.87 28.56
CA SER A 45 -5.96 13.60 28.44
C SER A 45 -6.42 13.22 27.03
N THR A 46 -5.46 13.00 26.14
CA THR A 46 -5.79 12.65 24.76
C THR A 46 -4.79 11.63 24.21
N VAL A 47 -5.29 10.73 23.38
CA VAL A 47 -4.46 9.71 22.74
C VAL A 47 -4.92 9.56 21.31
N GLY A 48 -3.97 9.36 20.40
CA GLY A 48 -4.31 9.21 18.99
C GLY A 48 -3.23 8.47 18.25
N ARG A 49 -3.62 7.66 17.27
CA ARG A 49 -2.65 6.90 16.48
C ARG A 49 -3.14 6.79 15.06
N ILE A 50 -2.23 6.51 14.14
CA ILE A 50 -2.59 6.28 12.75
C ILE A 50 -1.77 5.10 12.30
N LEU A 51 -2.32 4.32 11.39
CA LEU A 51 -1.63 3.16 10.83
C LEU A 51 -1.89 3.16 9.33
N PHE A 52 -0.91 2.73 8.54
CA PHE A 52 -1.13 2.65 7.10
C PHE A 52 -2.00 1.41 6.91
N SER A 53 -2.96 1.46 6.00
CA SER A 53 -3.89 0.33 5.82
C SER A 53 -3.29 -0.97 5.27
N ALA A 54 -2.37 -0.87 4.32
CA ALA A 54 -1.77 -2.07 3.76
C ALA A 54 -0.82 -2.73 4.76
N GLN A 55 -0.91 -4.05 4.85
CA GLN A 55 -0.06 -4.81 5.76
C GLN A 55 1.32 -5.01 5.15
N VAL A 56 2.35 -4.96 6.00
CA VAL A 56 3.73 -5.12 5.57
C VAL A 56 4.21 -6.52 5.87
N HIS A 57 4.84 -7.16 4.89
CA HIS A 57 5.36 -8.51 5.09
C HIS A 57 6.78 -8.36 5.63
N LEU A 58 6.90 -8.42 6.95
CA LEU A 58 8.16 -8.24 7.67
C LEU A 58 9.13 -9.41 7.55
N TRP A 59 8.60 -10.63 7.53
CA TRP A 59 9.45 -11.80 7.38
C TRP A 59 8.62 -12.96 6.88
N GLU A 60 9.27 -13.90 6.22
CA GLU A 60 8.59 -15.04 5.64
C GLU A 60 9.26 -16.33 6.08
N LYS A 61 8.56 -17.11 6.88
CA LYS A 61 9.07 -18.37 7.40
C LYS A 61 9.44 -19.38 6.31
N SER A 62 8.59 -19.51 5.30
CA SER A 62 8.83 -20.46 4.22
C SER A 62 10.12 -20.21 3.44
N SER A 63 10.41 -18.96 3.10
CA SER A 63 11.61 -18.62 2.35
C SER A 63 12.79 -18.24 3.24
N SER A 64 12.53 -18.09 4.54
CA SER A 64 13.57 -17.73 5.48
C SER A 64 14.09 -16.31 5.19
N ARG A 65 13.20 -15.44 4.71
CA ARG A 65 13.59 -14.07 4.40
C ARG A 65 13.08 -13.11 5.46
N VAL A 66 13.78 -12.00 5.61
CA VAL A 66 13.39 -10.97 6.57
C VAL A 66 13.52 -9.65 5.81
N ALA A 67 12.56 -8.77 5.99
CA ALA A 67 12.59 -7.49 5.29
C ALA A 67 13.47 -6.43 5.91
N ASN A 68 14.01 -5.59 5.05
CA ASN A 68 14.80 -4.47 5.52
C ASN A 68 13.69 -3.41 5.45
N PHE A 69 13.83 -2.31 6.17
CA PHE A 69 12.82 -1.27 6.03
C PHE A 69 13.43 0.04 6.42
N GLN A 70 12.84 1.11 5.89
CA GLN A 70 13.33 2.45 6.16
C GLN A 70 12.11 3.32 6.30
N SER A 71 12.07 4.08 7.39
CA SER A 71 10.96 4.98 7.64
C SER A 71 11.55 6.36 7.88
N GLN A 72 11.12 7.34 7.09
CA GLN A 72 11.61 8.71 7.24
C GLN A 72 10.41 9.57 7.55
N PHE A 73 10.51 10.41 8.58
CA PHE A 73 9.40 11.25 8.94
C PHE A 73 9.85 12.47 9.71
N SER A 74 8.98 13.47 9.76
CA SER A 74 9.28 14.69 10.50
CA SER A 74 9.26 14.70 10.48
C SER A 74 8.06 15.07 11.34
N PHE A 75 8.32 15.63 12.51
CA PHE A 75 7.23 16.03 13.38
C PHE A 75 7.66 17.23 14.21
N SER A 76 6.69 17.91 14.79
CA SER A 76 6.99 19.05 15.65
C SER A 76 6.07 18.99 16.85
N LEU A 77 6.55 19.51 17.97
CA LEU A 77 5.79 19.53 19.22
C LEU A 77 5.69 20.98 19.65
N LYS A 78 4.51 21.39 20.09
CA LYS A 78 4.29 22.76 20.53
C LYS A 78 3.44 22.79 21.79
N SER A 79 3.80 23.65 22.73
CA SER A 79 3.06 23.73 23.97
C SER A 79 3.24 25.06 24.70
N PRO A 80 2.17 25.57 25.32
CA PRO A 80 2.20 26.83 26.07
C PRO A 80 3.08 26.64 27.31
N LEU A 81 3.19 25.39 27.73
CA LEU A 81 3.98 25.02 28.90
C LEU A 81 5.45 24.78 28.53
N SER A 82 6.26 24.51 29.54
CA SER A 82 7.68 24.24 29.35
C SER A 82 7.90 22.75 29.61
N ASN A 83 6.86 22.09 30.12
CA ASN A 83 6.91 20.66 30.41
C ASN A 83 5.93 19.91 29.52
N GLY A 84 6.03 20.09 28.21
CA GLY A 84 5.12 19.41 27.31
C GLY A 84 5.23 17.90 27.48
N ALA A 85 4.10 17.20 27.36
CA ALA A 85 4.06 15.75 27.48
C ALA A 85 3.01 15.22 26.49
N ASP A 86 3.05 13.93 26.16
CA ASP A 86 4.01 12.95 26.67
C ASP A 86 5.04 12.47 25.66
N GLY A 87 4.71 12.59 24.39
CA GLY A 87 5.64 12.15 23.37
C GLY A 87 4.96 11.47 22.20
N ILE A 88 5.74 11.23 21.16
CA ILE A 88 5.25 10.58 19.95
C ILE A 88 6.13 9.36 19.67
N ALA A 89 5.57 8.37 19.00
CA ALA A 89 6.35 7.18 18.70
C ALA A 89 5.97 6.55 17.37
N PHE A 90 6.99 6.06 16.67
CA PHE A 90 6.79 5.35 15.41
C PHE A 90 6.71 3.90 15.91
N PHE A 91 5.73 3.12 15.46
CA PHE A 91 5.67 1.75 15.94
C PHE A 91 5.28 0.73 14.88
N ILE A 92 5.60 -0.53 15.18
CA ILE A 92 5.31 -1.65 14.30
C ILE A 92 4.59 -2.65 15.20
N ALA A 93 3.43 -3.14 14.76
CA ALA A 93 2.68 -4.08 15.59
C ALA A 93 1.79 -4.99 14.76
N PRO A 94 1.14 -5.99 15.39
CA PRO A 94 0.26 -6.89 14.66
C PRO A 94 -0.80 -6.04 13.97
N PRO A 95 -1.30 -6.48 12.81
CA PRO A 95 -2.31 -5.75 12.04
C PRO A 95 -3.59 -5.32 12.76
N ASP A 96 -4.03 -6.12 13.73
CA ASP A 96 -5.26 -5.79 14.45
C ASP A 96 -5.07 -4.91 15.69
N THR A 97 -3.90 -4.31 15.83
CA THR A 97 -3.63 -3.49 17.00
C THR A 97 -4.61 -2.33 17.18
N THR A 98 -4.96 -2.08 18.44
CA THR A 98 -5.86 -1.00 18.82
C THR A 98 -5.32 -0.36 20.10
N ILE A 99 -5.81 0.82 20.43
CA ILE A 99 -5.36 1.51 21.64
C ILE A 99 -5.76 0.73 22.89
N PRO A 100 -4.77 0.28 23.67
CA PRO A 100 -5.06 -0.48 24.89
C PRO A 100 -5.76 0.39 25.92
N SER A 101 -6.68 -0.20 26.68
CA SER A 101 -7.40 0.54 27.71
CA SER A 101 -7.40 0.54 27.71
C SER A 101 -6.41 1.12 28.72
N GLY A 102 -6.57 2.41 29.04
CA GLY A 102 -5.70 3.06 29.99
C GLY A 102 -4.26 3.26 29.55
N SER A 103 -4.03 3.36 28.24
CA SER A 103 -2.67 3.54 27.71
C SER A 103 -2.27 5.00 27.53
N GLY A 104 -3.02 5.91 28.14
CA GLY A 104 -2.72 7.31 27.99
C GLY A 104 -1.44 7.76 28.71
N GLY A 105 -1.20 9.06 28.68
CA GLY A 105 -0.04 9.61 29.34
C GLY A 105 1.28 8.99 28.95
N GLY A 106 2.07 8.64 29.95
CA GLY A 106 3.37 8.04 29.74
C GLY A 106 3.42 6.72 29.01
N LEU A 107 2.28 6.06 28.86
CA LEU A 107 2.25 4.79 28.14
C LEU A 107 2.15 5.03 26.63
N LEU A 108 2.06 6.30 26.26
CA LEU A 108 2.03 6.73 24.86
C LEU A 108 1.01 6.08 23.93
N GLY A 109 -0.04 5.50 24.51
CA GLY A 109 -1.06 4.86 23.69
C GLY A 109 -0.59 3.54 23.10
N LEU A 110 0.50 3.00 23.65
CA LEU A 110 1.07 1.75 23.16
C LEU A 110 0.95 0.55 24.09
N PHE A 111 0.91 0.80 25.40
CA PHE A 111 0.83 -0.31 26.34
C PHE A 111 -0.27 -0.17 27.38
N ALA A 112 -0.70 -1.32 27.89
CA ALA A 112 -1.72 -1.38 28.93
C ALA A 112 -0.95 -1.28 30.25
N PRO A 113 -1.51 -0.58 31.24
CA PRO A 113 -0.86 -0.42 32.53
C PRO A 113 -0.36 -1.69 33.20
N GLY A 114 -1.23 -2.69 33.31
CA GLY A 114 -0.86 -3.93 33.96
C GLY A 114 0.26 -4.74 33.32
N THR A 115 0.51 -4.51 32.03
CA THR A 115 1.54 -5.27 31.34
C THR A 115 2.55 -4.42 30.57
N ALA A 116 2.62 -3.13 30.89
CA ALA A 116 3.54 -2.22 30.21
C ALA A 116 5.01 -2.62 30.26
N GLN A 117 5.42 -3.31 31.32
CA GLN A 117 6.82 -3.72 31.42
C GLN A 117 6.99 -5.24 31.37
N ASN A 118 5.96 -5.94 30.92
CA ASN A 118 6.01 -7.39 30.81
C ASN A 118 6.31 -7.73 29.34
N THR A 119 7.57 -8.03 29.04
CA THR A 119 7.97 -8.33 27.68
C THR A 119 7.30 -9.57 27.07
N SER A 120 6.80 -10.46 27.92
CA SER A 120 6.14 -11.67 27.43
C SER A 120 4.68 -11.44 27.07
N ALA A 121 4.13 -10.28 27.42
CA ALA A 121 2.73 -9.99 27.13
C ALA A 121 2.52 -9.01 25.97
N ASN A 122 3.60 -8.52 25.38
CA ASN A 122 3.48 -7.56 24.29
C ASN A 122 4.13 -7.99 22.97
N GLN A 123 3.69 -7.35 21.88
CA GLN A 123 4.22 -7.58 20.54
C GLN A 123 4.30 -6.22 19.86
N VAL A 124 5.37 -5.50 20.13
CA VAL A 124 5.51 -4.18 19.53
C VAL A 124 6.94 -3.70 19.58
N ILE A 125 7.34 -3.02 18.52
CA ILE A 125 8.67 -2.42 18.45
C ILE A 125 8.34 -0.97 18.18
N ALA A 126 8.92 -0.05 18.95
CA ALA A 126 8.65 1.35 18.75
C ALA A 126 9.87 2.22 19.00
N VAL A 127 9.87 3.39 18.37
CA VAL A 127 10.96 4.35 18.56
C VAL A 127 10.21 5.54 19.14
N GLU A 128 10.47 5.82 20.40
CA GLU A 128 9.78 6.90 21.10
C GLU A 128 10.61 8.17 21.24
N PHE A 129 9.91 9.30 21.25
CA PHE A 129 10.52 10.61 21.44
C PHE A 129 9.74 11.06 22.66
N ASP A 130 10.35 10.81 23.81
CA ASP A 130 9.77 11.01 25.13
C ASP A 130 10.17 12.31 25.81
N THR A 131 9.21 13.20 26.02
CA THR A 131 9.51 14.50 26.62
C THR A 131 9.17 14.65 28.09
N PHE A 132 8.55 13.64 28.69
CA PHE A 132 8.15 13.73 30.09
C PHE A 132 8.70 12.53 30.85
N TYR A 133 9.40 12.80 31.94
CA TYR A 133 10.04 11.74 32.70
C TYR A 133 9.89 11.79 34.23
N ALA A 134 8.92 12.54 34.73
CA ALA A 134 8.72 12.62 36.19
C ALA A 134 8.68 11.21 36.77
N GLN A 135 9.55 10.95 37.75
CA GLN A 135 9.66 9.63 38.36
C GLN A 135 8.46 9.13 39.17
N ASP A 136 7.51 9.99 39.48
CA ASP A 136 6.34 9.55 40.23
C ASP A 136 5.39 8.77 39.35
N SER A 137 5.30 9.16 38.08
CA SER A 137 4.40 8.52 37.12
C SER A 137 5.11 7.74 36.01
N ASN A 138 6.29 8.18 35.62
CA ASN A 138 7.06 7.51 34.56
C ASN A 138 8.30 6.89 35.20
N THR A 139 8.09 5.99 36.14
CA THR A 139 9.18 5.36 36.88
C THR A 139 10.22 4.65 36.02
N TRP A 140 9.79 4.17 34.85
CA TRP A 140 10.69 3.44 33.95
C TRP A 140 11.66 4.32 33.16
N ASP A 141 11.43 5.63 33.14
CA ASP A 141 12.27 6.56 32.37
C ASP A 141 13.54 7.08 33.02
N PRO A 142 14.54 7.42 32.18
CA PRO A 142 15.80 7.98 32.67
C PRO A 142 15.32 9.37 33.08
N ASN A 143 16.06 10.10 33.91
CA ASN A 143 15.62 11.41 34.35
CA ASN A 143 15.60 11.41 34.33
C ASN A 143 16.00 12.56 33.41
N TYR A 144 15.54 12.48 32.16
CA TYR A 144 15.79 13.50 31.15
C TYR A 144 15.07 13.16 29.86
N PRO A 145 14.77 14.16 29.03
CA PRO A 145 14.08 13.91 27.76
C PRO A 145 14.96 12.96 26.95
N HIS A 146 14.35 12.08 26.17
CA HIS A 146 15.13 11.10 25.44
C HIS A 146 14.45 10.46 24.24
N ILE A 147 15.26 9.80 23.42
CA ILE A 147 14.76 9.05 22.28
C ILE A 147 15.04 7.63 22.74
N GLY A 148 14.10 6.72 22.55
CA GLY A 148 14.34 5.36 22.98
C GLY A 148 13.81 4.33 22.02
N ILE A 149 14.40 3.14 22.10
CA ILE A 149 13.94 2.02 21.28
C ILE A 149 13.20 1.12 22.26
N ASP A 150 11.94 0.87 21.98
CA ASP A 150 11.08 0.05 22.83
C ASP A 150 10.80 -1.29 22.18
N VAL A 151 11.10 -2.37 22.90
CA VAL A 151 10.83 -3.71 22.38
C VAL A 151 9.99 -4.42 23.43
N ASN A 152 8.69 -4.49 23.17
CA ASN A 152 7.71 -5.14 24.05
C ASN A 152 7.61 -4.57 25.46
N SER A 153 8.11 -3.36 25.67
CA SER A 153 8.05 -2.75 26.99
C SER A 153 8.18 -1.23 26.90
N ILE A 154 7.54 -0.53 27.84
CA ILE A 154 7.62 0.94 27.84
C ILE A 154 8.99 1.34 28.38
N ARG A 155 9.68 0.40 29.02
CA ARG A 155 11.03 0.68 29.54
C ARG A 155 11.98 0.36 28.38
N SER A 156 12.47 1.40 27.73
CA SER A 156 13.34 1.28 26.57
C SER A 156 14.58 0.41 26.79
N VAL A 157 14.90 -0.40 25.79
CA VAL A 157 16.09 -1.24 25.89
C VAL A 157 17.32 -0.37 25.67
N LYS A 158 17.15 0.78 25.01
CA LYS A 158 18.26 1.68 24.76
C LYS A 158 17.73 3.11 24.59
N THR A 159 18.42 4.08 25.17
CA THR A 159 17.99 5.48 25.05
C THR A 159 19.17 6.41 24.79
N VAL A 160 18.85 7.61 24.34
CA VAL A 160 19.87 8.63 24.14
C VAL A 160 19.27 9.96 24.59
N LYS A 161 20.09 10.76 25.27
CA LYS A 161 19.65 12.07 25.74
C LYS A 161 19.20 12.87 24.53
N TRP A 162 18.06 13.55 24.65
CA TRP A 162 17.51 14.34 23.55
C TRP A 162 17.03 15.70 24.05
N ASP A 163 16.98 16.67 23.14
CA ASP A 163 16.53 18.02 23.48
C ASP A 163 15.22 18.35 22.81
N ARG A 164 14.21 18.70 23.60
CA ARG A 164 12.92 19.08 23.03
C ARG A 164 13.01 20.55 22.63
N ARG A 165 12.59 20.87 21.42
CA ARG A 165 12.62 22.25 20.95
C ARG A 165 11.22 22.63 20.48
N ASP A 166 10.55 23.45 21.26
CA ASP A 166 9.19 23.87 20.94
C ASP A 166 9.04 24.44 19.53
N GLY A 167 8.13 23.87 18.76
CA GLY A 167 7.87 24.35 17.42
C GLY A 167 8.86 24.03 16.31
N GLN A 168 9.96 23.35 16.63
CA GLN A 168 10.93 23.01 15.60
C GLN A 168 10.76 21.58 15.09
N SER A 169 10.76 21.43 13.77
CA SER A 169 10.60 20.11 13.17
CA SER A 169 10.60 20.12 13.15
C SER A 169 11.84 19.24 13.31
N LEU A 170 11.64 17.99 13.70
CA LEU A 170 12.74 17.05 13.86
C LEU A 170 12.62 16.06 12.72
N ASN A 171 13.70 15.87 11.97
CA ASN A 171 13.69 14.92 10.86
CA ASN A 171 13.70 14.93 10.86
C ASN A 171 14.27 13.61 11.38
N VAL A 172 13.54 12.52 11.13
CA VAL A 172 13.98 11.22 11.61
C VAL A 172 14.09 10.17 10.54
N LEU A 173 15.14 9.35 10.64
CA LEU A 173 15.34 8.24 9.72
C LEU A 173 15.49 6.99 10.59
N VAL A 174 14.61 6.01 10.38
CA VAL A 174 14.69 4.75 11.13
C VAL A 174 14.94 3.66 10.09
N THR A 175 15.98 2.86 10.32
CA THR A 175 16.32 1.82 9.35
C THR A 175 16.56 0.49 10.05
N PHE A 176 16.14 -0.60 9.42
CA PHE A 176 16.39 -1.92 9.98
C PHE A 176 17.09 -2.73 8.89
N ASN A 177 18.23 -3.29 9.25
CA ASN A 177 19.03 -4.08 8.32
C ASN A 177 18.96 -5.54 8.77
N PRO A 178 18.31 -6.41 7.99
CA PRO A 178 18.19 -7.83 8.33
C PRO A 178 19.50 -8.60 8.40
N SER A 179 20.51 -8.11 7.66
CA SER A 179 21.81 -8.76 7.63
C SER A 179 22.54 -8.64 8.97
N THR A 180 22.45 -7.45 9.57
CA THR A 180 23.12 -7.19 10.85
C THR A 180 22.12 -7.18 12.03
N ARG A 181 20.84 -7.13 11.71
CA ARG A 181 19.76 -7.08 12.69
C ARG A 181 19.78 -5.78 13.49
N ASN A 182 20.41 -4.77 12.93
CA ASN A 182 20.50 -3.48 13.62
CA ASN A 182 20.51 -3.49 13.62
C ASN A 182 19.37 -2.53 13.25
N LEU A 183 18.70 -2.01 14.27
CA LEU A 183 17.62 -1.05 14.07
C LEU A 183 18.33 0.26 14.41
N ASP A 184 18.53 1.12 13.40
CA ASP A 184 19.22 2.38 13.61
CA ASP A 184 19.23 2.38 13.61
C ASP A 184 18.28 3.58 13.54
N VAL A 185 18.51 4.54 14.42
CA VAL A 185 17.71 5.76 14.47
C VAL A 185 18.61 6.99 14.39
N VAL A 186 18.32 7.87 13.45
CA VAL A 186 19.09 9.11 13.29
C VAL A 186 18.05 10.23 13.25
N ALA A 187 18.18 11.20 14.16
CA ALA A 187 17.24 12.32 14.22
C ALA A 187 18.02 13.63 14.18
N THR A 188 17.55 14.57 13.37
CA THR A 188 18.27 15.84 13.28
C THR A 188 17.38 17.06 13.19
N TYR A 189 17.84 18.16 13.80
CA TYR A 189 17.11 19.42 13.70
C TYR A 189 17.73 20.14 12.50
N SER A 190 17.05 21.15 11.99
CA SER A 190 17.54 21.87 10.81
C SER A 190 18.93 22.48 10.94
N ASP A 191 19.35 22.80 12.17
CA ASP A 191 20.68 23.39 12.35
C ASP A 191 21.78 22.35 12.33
N GLY A 192 21.41 21.08 12.13
CA GLY A 192 22.41 20.03 12.08
C GLY A 192 22.60 19.25 13.37
N THR A 193 21.93 19.67 14.44
CA THR A 193 22.07 18.95 15.71
C THR A 193 21.54 17.54 15.48
N ARG A 194 22.36 16.55 15.78
CA ARG A 194 22.02 15.16 15.52
C ARG A 194 22.02 14.23 16.73
N TYR A 195 21.11 13.25 16.71
CA TYR A 195 21.02 12.28 17.79
C TYR A 195 20.96 10.89 17.16
N GLU A 196 21.71 9.94 17.70
CA GLU A 196 21.72 8.60 17.14
C GLU A 196 21.58 7.55 18.22
N VAL A 197 20.85 6.49 17.91
CA VAL A 197 20.68 5.39 18.84
C VAL A 197 20.38 4.15 18.01
N SER A 198 20.93 3.02 18.42
CA SER A 198 20.70 1.79 17.68
C SER A 198 20.65 0.61 18.63
N TYR A 199 20.05 -0.47 18.15
CA TYR A 199 19.91 -1.67 18.97
C TYR A 199 19.80 -2.88 18.04
N GLU A 200 20.36 -4.00 18.48
CA GLU A 200 20.30 -5.22 17.68
C GLU A 200 19.08 -6.01 18.10
N VAL A 201 18.22 -6.34 17.13
CA VAL A 201 17.01 -7.07 17.45
C VAL A 201 16.57 -7.99 16.32
N ASP A 202 16.17 -9.21 16.68
CA ASP A 202 15.71 -10.18 15.69
C ASP A 202 14.19 -10.01 15.65
N VAL A 203 13.72 -9.29 14.64
CA VAL A 203 12.28 -9.02 14.52
C VAL A 203 11.43 -10.28 14.45
N ARG A 204 12.00 -11.36 13.94
CA ARG A 204 11.25 -12.61 13.83
C ARG A 204 10.78 -13.20 15.16
N SER A 205 11.49 -12.88 16.24
CA SER A 205 11.11 -13.40 17.56
C SER A 205 10.21 -12.45 18.34
N VAL A 206 9.94 -11.28 17.76
CA VAL A 206 9.13 -10.28 18.43
C VAL A 206 7.78 -10.05 17.75
N LEU A 207 7.78 -10.03 16.43
CA LEU A 207 6.57 -9.77 15.66
C LEU A 207 6.16 -10.88 14.69
N PRO A 208 4.88 -10.92 14.32
CA PRO A 208 4.37 -11.91 13.38
C PRO A 208 4.90 -11.56 11.98
N GLU A 209 4.67 -12.43 11.00
CA GLU A 209 5.14 -12.22 9.63
C GLU A 209 4.57 -10.98 8.96
N TRP A 210 3.29 -10.69 9.21
CA TRP A 210 2.64 -9.52 8.66
C TRP A 210 2.32 -8.53 9.76
N VAL A 211 2.62 -7.26 9.52
CA VAL A 211 2.40 -6.22 10.52
C VAL A 211 1.85 -4.95 9.91
N ARG A 212 1.55 -3.98 10.77
CA ARG A 212 1.12 -2.68 10.29
C ARG A 212 2.06 -1.68 10.96
N VAL A 213 2.32 -0.57 10.29
CA VAL A 213 3.21 0.45 10.81
C VAL A 213 2.45 1.74 11.00
N GLY A 214 2.85 2.53 11.99
CA GLY A 214 2.17 3.79 12.22
C GLY A 214 2.82 4.65 13.29
N PHE A 215 2.03 5.56 13.83
CA PHE A 215 2.51 6.46 14.87
C PHE A 215 1.48 6.56 15.99
N SER A 216 1.95 6.86 17.18
CA SER A 216 1.06 7.00 18.33
C SER A 216 1.58 8.15 19.17
N ALA A 217 0.69 8.83 19.87
CA ALA A 217 1.09 9.93 20.73
C ALA A 217 0.03 10.10 21.80
N ALA A 218 0.43 10.69 22.92
CA ALA A 218 -0.51 10.90 24.01
C ALA A 218 -0.08 12.04 24.90
N SER A 219 -1.05 12.60 25.63
CA SER A 219 -0.83 13.67 26.59
C SER A 219 -1.67 13.32 27.81
N GLY A 220 -1.05 13.30 28.99
CA GLY A 220 -1.78 13.02 30.21
C GLY A 220 -2.18 14.36 30.82
N GLU A 221 -1.68 14.65 32.02
CA GLU A 221 -2.00 15.93 32.66
C GLU A 221 -1.22 17.08 32.03
N GLN A 222 -0.04 16.77 31.52
CA GLN A 222 0.81 17.75 30.85
C GLN A 222 0.52 17.52 29.37
N TYR A 223 0.64 18.55 28.55
CA TYR A 223 0.29 18.41 27.14
C TYR A 223 1.10 19.22 26.15
N GLN A 224 0.94 18.87 24.88
CA GLN A 224 1.64 19.50 23.77
C GLN A 224 1.04 18.88 22.52
N THR A 225 1.14 19.58 21.39
CA THR A 225 0.61 19.00 20.16
C THR A 225 1.67 18.02 19.67
N HIS A 226 1.24 16.99 18.94
CA HIS A 226 2.16 16.02 18.36
C HIS A 226 1.78 16.02 16.89
N THR A 227 2.47 16.87 16.14
CA THR A 227 2.19 17.05 14.72
C THR A 227 3.11 16.29 13.78
N LEU A 228 2.55 15.32 13.08
CA LEU A 228 3.29 14.52 12.11
C LEU A 228 3.17 15.27 10.78
N GLU A 229 4.31 15.74 10.25
CA GLU A 229 4.32 16.54 9.03
C GLU A 229 4.55 15.83 7.71
N SER A 230 5.34 14.77 7.72
CA SER A 230 5.62 14.02 6.50
C SER A 230 6.03 12.62 6.89
N TRP A 231 5.91 11.68 5.95
CA TRP A 231 6.25 10.30 6.23
C TRP A 231 6.43 9.46 4.97
N SER A 232 7.56 8.77 4.88
CA SER A 232 7.83 7.88 3.75
CA SER A 232 7.85 7.89 3.76
C SER A 232 8.28 6.55 4.33
N PHE A 233 7.89 5.47 3.67
CA PHE A 233 8.24 4.14 4.15
C PHE A 233 8.53 3.20 3.00
N THR A 234 9.51 2.33 3.19
CA THR A 234 9.83 1.34 2.17
C THR A 234 10.30 0.07 2.85
N SER A 235 9.87 -1.07 2.35
CA SER A 235 10.27 -2.36 2.90
CA SER A 235 10.28 -2.36 2.90
C SER A 235 10.48 -3.34 1.76
N THR A 236 11.48 -4.21 1.89
CA THR A 236 11.78 -5.20 0.86
C THR A 236 12.24 -6.49 1.53
N LEU A 237 11.63 -7.62 1.19
CA LEU A 237 12.07 -8.90 1.76
C LEU A 237 13.42 -9.30 1.16
N LEU A 238 14.39 -9.62 2.01
CA LEU A 238 15.72 -10.02 1.55
C LEU A 238 16.12 -11.36 2.14
N TYR A 239 16.99 -12.08 1.42
CA TYR A 239 17.45 -13.40 1.85
C TYR A 239 18.52 -13.36 2.93
N THR A 240 19.60 -12.63 2.68
CA THR A 240 20.72 -12.52 3.62
C THR A 240 21.07 -13.89 4.20
N ASP B 2 1.13 10.48 -1.92
CA ASP B 2 1.39 11.00 -3.26
C ASP B 2 2.05 9.90 -4.09
N SER B 3 2.80 9.02 -3.42
CA SER B 3 3.48 7.94 -4.13
C SER B 3 3.21 6.59 -3.48
N LEU B 4 3.09 5.56 -4.31
CA LEU B 4 2.81 4.21 -3.83
C LEU B 4 3.43 3.21 -4.80
N SER B 5 4.04 2.15 -4.27
CA SER B 5 4.57 1.12 -5.15
C SER B 5 4.57 -0.21 -4.42
N PHE B 6 4.46 -1.29 -5.18
CA PHE B 6 4.46 -2.62 -4.58
C PHE B 6 4.90 -3.60 -5.65
N GLY B 7 5.47 -4.72 -5.23
CA GLY B 7 5.92 -5.69 -6.19
C GLY B 7 5.67 -7.12 -5.75
N PHE B 8 5.11 -7.91 -6.67
CA PHE B 8 4.85 -9.31 -6.41
C PHE B 8 5.66 -10.12 -7.42
N PRO B 9 6.89 -10.52 -7.08
CA PRO B 9 7.70 -11.32 -8.02
C PRO B 9 6.99 -12.65 -8.28
N THR B 10 6.25 -13.12 -7.28
CA THR B 10 5.44 -14.33 -7.32
C THR B 10 4.27 -14.07 -6.39
N PHE B 11 3.33 -15.02 -6.30
CA PHE B 11 2.16 -14.87 -5.46
C PHE B 11 1.97 -16.03 -4.49
N PRO B 12 2.61 -15.97 -3.30
CA PRO B 12 2.48 -17.02 -2.29
C PRO B 12 1.03 -17.08 -1.80
N SER B 13 0.58 -18.24 -1.34
CA SER B 13 -0.79 -18.39 -0.88
C SER B 13 -1.18 -17.50 0.29
N ASP B 14 -0.20 -17.04 1.05
CA ASP B 14 -0.48 -16.20 2.21
C ASP B 14 -0.55 -14.71 1.84
N GLN B 15 -1.71 -14.29 1.32
CA GLN B 15 -1.93 -12.89 0.91
C GLN B 15 -2.79 -12.10 1.89
N LYS B 16 -2.44 -10.82 2.07
CA LYS B 16 -3.17 -9.95 2.99
C LYS B 16 -3.69 -8.69 2.30
N ASN B 17 -3.01 -8.24 1.25
CA ASN B 17 -3.38 -7.01 0.57
C ASN B 17 -4.06 -7.14 -0.78
N LEU B 18 -4.62 -8.30 -1.06
CA LEU B 18 -5.33 -8.48 -2.32
C LEU B 18 -6.81 -8.71 -2.05
N ILE B 19 -7.65 -8.10 -2.88
CA ILE B 19 -9.09 -8.29 -2.77
C ILE B 19 -9.43 -9.28 -3.88
N PHE B 20 -9.95 -10.44 -3.49
CA PHE B 20 -10.32 -11.48 -4.44
C PHE B 20 -11.79 -11.39 -4.77
N GLN B 21 -12.13 -11.38 -6.05
CA GLN B 21 -13.53 -11.32 -6.46
C GLN B 21 -13.81 -12.46 -7.42
N GLY B 22 -15.02 -13.02 -7.33
CA GLY B 22 -15.37 -14.12 -8.21
C GLY B 22 -14.60 -15.39 -7.88
N ASP B 23 -14.12 -16.07 -8.92
CA ASP B 23 -13.40 -17.32 -8.77
C ASP B 23 -11.89 -17.19 -8.60
N ALA B 24 -11.39 -15.96 -8.58
CA ALA B 24 -9.95 -15.76 -8.46
C ALA B 24 -9.36 -16.36 -7.18
N GLN B 25 -8.22 -17.03 -7.30
CA GLN B 25 -7.54 -17.60 -6.14
C GLN B 25 -6.07 -17.90 -6.43
N ILE B 26 -5.30 -18.10 -5.37
CA ILE B 26 -3.88 -18.40 -5.51
C ILE B 26 -3.66 -19.92 -5.61
N LYS B 27 -2.85 -20.32 -6.59
CA LYS B 27 -2.51 -21.73 -6.78
C LYS B 27 -1.12 -21.79 -7.41
N ASN B 28 -0.24 -22.59 -6.82
CA ASN B 28 1.12 -22.75 -7.32
C ASN B 28 1.87 -21.43 -7.51
N ASN B 29 1.83 -20.59 -6.48
CA ASN B 29 2.51 -19.29 -6.48
C ASN B 29 2.10 -18.32 -7.58
N ALA B 30 0.91 -18.51 -8.13
CA ALA B 30 0.40 -17.63 -9.17
C ALA B 30 -1.08 -17.39 -8.90
N VAL B 31 -1.62 -16.34 -9.51
CA VAL B 31 -3.04 -16.08 -9.34
C VAL B 31 -3.81 -16.70 -10.50
N GLN B 32 -4.75 -17.58 -10.18
CA GLN B 32 -5.58 -18.18 -11.21
C GLN B 32 -6.85 -17.33 -11.18
N LEU B 33 -7.00 -16.44 -12.17
CA LEU B 33 -8.16 -15.56 -12.21
C LEU B 33 -9.44 -16.32 -12.45
N THR B 34 -9.39 -17.30 -13.35
CA THR B 34 -10.54 -18.12 -13.68
C THR B 34 -10.43 -19.50 -13.05
N LYS B 35 -11.57 -20.08 -12.72
CA LYS B 35 -11.66 -21.38 -12.07
C LYS B 35 -11.03 -22.54 -12.83
N THR B 36 -10.40 -23.45 -12.09
CA THR B 36 -9.77 -24.64 -12.66
C THR B 36 -10.21 -25.83 -11.81
N ASP B 37 -10.37 -26.99 -12.43
CA ASP B 37 -10.79 -28.18 -11.68
C ASP B 37 -9.64 -28.71 -10.82
N SER B 38 -9.87 -29.86 -10.19
CA SER B 38 -8.85 -30.47 -9.33
C SER B 38 -7.56 -30.75 -10.08
N ASN B 39 -7.67 -31.10 -11.36
CA ASN B 39 -6.50 -31.39 -12.17
C ASN B 39 -5.81 -30.13 -12.69
N GLY B 40 -6.39 -28.98 -12.40
CA GLY B 40 -5.80 -27.72 -12.85
C GLY B 40 -6.22 -27.33 -14.25
N ASN B 41 -7.23 -28.02 -14.78
CA ASN B 41 -7.74 -27.74 -16.10
C ASN B 41 -8.81 -26.65 -16.05
N PRO B 42 -8.85 -25.79 -17.07
CA PRO B 42 -9.84 -24.70 -17.12
C PRO B 42 -11.25 -25.22 -17.36
N VAL B 43 -12.23 -24.50 -16.84
CA VAL B 43 -13.63 -24.85 -16.99
C VAL B 43 -14.39 -23.66 -17.55
N ALA B 44 -15.58 -23.91 -18.10
CA ALA B 44 -16.38 -22.83 -18.67
C ALA B 44 -17.16 -22.03 -17.61
N SER B 45 -17.71 -20.90 -18.04
CA SER B 45 -18.53 -20.04 -17.18
C SER B 45 -17.90 -19.63 -15.88
N THR B 46 -16.79 -18.90 -15.96
CA THR B 46 -16.11 -18.46 -14.76
C THR B 46 -15.59 -17.03 -14.95
N VAL B 47 -15.57 -16.27 -13.88
CA VAL B 47 -15.10 -14.89 -13.90
C VAL B 47 -14.35 -14.66 -12.59
N GLY B 48 -13.26 -13.91 -12.65
CA GLY B 48 -12.51 -13.64 -11.44
C GLY B 48 -11.68 -12.38 -11.60
N ARG B 49 -11.46 -11.67 -10.50
CA ARG B 49 -10.67 -10.44 -10.54
C ARG B 49 -9.93 -10.29 -9.22
N ILE B 50 -8.85 -9.51 -9.24
CA ILE B 50 -8.13 -9.20 -8.01
C ILE B 50 -7.85 -7.71 -8.07
N LEU B 51 -7.78 -7.07 -6.91
CA LEU B 51 -7.49 -5.64 -6.82
C LEU B 51 -6.50 -5.47 -5.69
N PHE B 52 -5.62 -4.48 -5.77
CA PHE B 52 -4.72 -4.25 -4.65
C PHE B 52 -5.59 -3.49 -3.64
N SER B 53 -5.46 -3.81 -2.36
CA SER B 53 -6.30 -3.18 -1.35
C SER B 53 -6.11 -1.69 -1.18
N ALA B 54 -4.86 -1.21 -1.16
CA ALA B 54 -4.62 0.22 -0.99
C ALA B 54 -5.10 1.01 -2.21
N GLN B 55 -5.76 2.14 -1.96
CA GLN B 55 -6.24 2.97 -3.05
C GLN B 55 -5.09 3.80 -3.61
N VAL B 56 -5.15 4.06 -4.92
CA VAL B 56 -4.12 4.84 -5.59
C VAL B 56 -4.63 6.25 -5.84
N HIS B 57 -3.82 7.25 -5.55
CA HIS B 57 -4.24 8.62 -5.80
C HIS B 57 -3.80 8.95 -7.22
N LEU B 58 -4.75 8.81 -8.16
CA LEU B 58 -4.51 9.02 -9.58
C LEU B 58 -4.34 10.50 -9.97
N TRP B 59 -5.18 11.36 -9.42
CA TRP B 59 -5.05 12.79 -9.67
C TRP B 59 -5.64 13.58 -8.51
N GLU B 60 -5.32 14.87 -8.47
CA GLU B 60 -5.79 15.71 -7.37
C GLU B 60 -6.26 17.07 -7.87
N LYS B 61 -7.55 17.35 -7.69
CA LYS B 61 -8.14 18.62 -8.14
C LYS B 61 -7.39 19.82 -7.57
N SER B 62 -7.40 19.93 -6.25
CA SER B 62 -6.78 21.04 -5.54
C SER B 62 -5.36 21.42 -5.95
N SER B 63 -4.54 20.44 -6.32
CA SER B 63 -3.16 20.74 -6.70
C SER B 63 -2.88 20.66 -8.20
N SER B 64 -3.89 20.32 -8.99
CA SER B 64 -3.72 20.21 -10.43
C SER B 64 -2.65 19.18 -10.82
N ARG B 65 -2.48 18.15 -9.99
CA ARG B 65 -1.50 17.10 -10.28
C ARG B 65 -2.14 15.83 -10.80
N VAL B 66 -1.38 15.08 -11.58
CA VAL B 66 -1.85 13.81 -12.14
C VAL B 66 -0.70 12.80 -12.02
N ALA B 67 -1.05 11.57 -11.70
CA ALA B 67 -0.04 10.55 -11.51
C ALA B 67 0.64 10.01 -12.74
N ASN B 68 1.91 9.68 -12.55
CA ASN B 68 2.73 9.05 -13.56
C ASN B 68 2.75 7.64 -12.98
N PHE B 69 2.27 6.64 -13.72
CA PHE B 69 2.29 5.28 -13.18
C PHE B 69 2.80 4.27 -14.18
N GLN B 70 3.29 3.16 -13.64
CA GLN B 70 3.80 2.07 -14.48
C GLN B 70 3.36 0.77 -13.84
N SER B 71 2.91 -0.16 -14.69
CA SER B 71 2.47 -1.46 -14.21
C SER B 71 3.16 -2.49 -15.08
N GLN B 72 3.95 -3.37 -14.46
CA GLN B 72 4.68 -4.40 -15.20
C GLN B 72 4.11 -5.73 -14.72
N PHE B 73 3.80 -6.62 -15.64
CA PHE B 73 3.25 -7.91 -15.22
C PHE B 73 3.45 -8.98 -16.27
N SER B 74 3.32 -10.23 -15.86
CA SER B 74 3.44 -11.33 -16.80
C SER B 74 2.30 -12.31 -16.54
N PHE B 75 1.82 -12.93 -17.62
CA PHE B 75 0.74 -13.90 -17.49
C PHE B 75 0.89 -14.94 -18.59
N SER B 76 0.18 -16.05 -18.44
CA SER B 76 0.20 -17.11 -19.45
C SER B 76 -1.21 -17.64 -19.55
N LEU B 77 -1.56 -18.13 -20.73
CA LEU B 77 -2.90 -18.67 -20.98
C LEU B 77 -2.70 -20.08 -21.51
N LYS B 78 -3.57 -21.00 -21.09
CA LYS B 78 -3.45 -22.37 -21.55
C LYS B 78 -4.82 -23.01 -21.74
N SER B 79 -4.99 -23.73 -22.84
CA SER B 79 -6.26 -24.40 -23.11
C SER B 79 -6.12 -25.52 -24.12
N PRO B 80 -6.80 -26.66 -23.88
CA PRO B 80 -6.74 -27.79 -24.80
C PRO B 80 -7.58 -27.50 -26.05
N LEU B 81 -8.45 -26.49 -25.96
CA LEU B 81 -9.32 -26.11 -27.08
C LEU B 81 -8.59 -25.30 -28.15
N SER B 82 -9.12 -25.33 -29.37
CA SER B 82 -8.52 -24.56 -30.46
C SER B 82 -8.85 -23.06 -30.34
N ASN B 83 -9.91 -22.73 -29.58
CA ASN B 83 -10.30 -21.33 -29.43
C ASN B 83 -10.52 -20.93 -27.98
N GLY B 84 -9.44 -20.91 -27.20
CA GLY B 84 -9.52 -20.55 -25.79
C GLY B 84 -10.10 -19.16 -25.63
N ALA B 85 -10.88 -18.96 -24.57
CA ALA B 85 -11.54 -17.68 -24.31
C ALA B 85 -11.58 -17.43 -22.81
N ASP B 86 -11.83 -16.19 -22.39
CA ASP B 86 -12.07 -15.04 -23.25
C ASP B 86 -10.96 -14.01 -23.25
N GLY B 87 -10.17 -13.97 -22.17
CA GLY B 87 -9.09 -13.02 -22.12
C GLY B 87 -8.87 -12.46 -20.74
N ILE B 88 -7.76 -11.73 -20.60
CA ILE B 88 -7.39 -11.14 -19.33
C ILE B 88 -7.19 -9.65 -19.54
N ALA B 89 -7.47 -8.85 -18.52
CA ALA B 89 -7.29 -7.41 -18.63
C ALA B 89 -6.75 -6.79 -17.35
N PHE B 90 -5.86 -5.81 -17.52
CA PHE B 90 -5.33 -5.02 -16.40
C PHE B 90 -6.30 -3.84 -16.41
N PHE B 91 -6.85 -3.47 -15.26
CA PHE B 91 -7.80 -2.37 -15.26
C PHE B 91 -7.66 -1.41 -14.09
N ILE B 92 -8.26 -0.24 -14.25
CA ILE B 92 -8.23 0.81 -13.24
C ILE B 92 -9.68 1.25 -13.11
N ALA B 93 -10.20 1.28 -11.88
CA ALA B 93 -11.59 1.65 -11.68
C ALA B 93 -11.82 2.28 -10.32
N PRO B 94 -13.06 2.75 -10.05
CA PRO B 94 -13.38 3.35 -8.76
C PRO B 94 -13.13 2.29 -7.70
N PRO B 95 -12.72 2.70 -6.49
CA PRO B 95 -12.43 1.80 -5.38
C PRO B 95 -13.47 0.76 -5.00
N ASP B 96 -14.75 1.09 -5.17
CA ASP B 96 -15.82 0.17 -4.82
C ASP B 96 -16.26 -0.76 -5.94
N THR B 97 -15.45 -0.85 -7.00
CA THR B 97 -15.81 -1.70 -8.14
C THR B 97 -16.00 -3.17 -7.77
N THR B 98 -17.04 -3.77 -8.34
CA THR B 98 -17.35 -5.18 -8.12
C THR B 98 -17.71 -5.79 -9.48
N ILE B 99 -17.75 -7.11 -9.56
CA ILE B 99 -18.09 -7.76 -10.81
C ILE B 99 -19.54 -7.47 -11.17
N PRO B 100 -19.78 -6.84 -12.32
CA PRO B 100 -21.14 -6.51 -12.76
C PRO B 100 -21.92 -7.78 -13.09
N SER B 101 -23.23 -7.76 -12.89
CA SER B 101 -24.06 -8.93 -13.22
C SER B 101 -24.03 -9.18 -14.71
N GLY B 102 -23.83 -10.43 -15.08
CA GLY B 102 -23.80 -10.81 -16.49
C GLY B 102 -22.59 -10.31 -17.26
N SER B 103 -21.49 -10.03 -16.56
CA SER B 103 -20.28 -9.54 -17.21
C SER B 103 -19.34 -10.65 -17.66
N GLY B 104 -19.84 -11.88 -17.68
CA GLY B 104 -19.01 -13.00 -18.08
C GLY B 104 -18.64 -13.04 -19.55
N GLY B 105 -17.90 -14.07 -19.94
CA GLY B 105 -17.50 -14.24 -21.33
C GLY B 105 -16.79 -13.06 -21.96
N GLY B 106 -17.27 -12.64 -23.13
CA GLY B 106 -16.66 -11.54 -23.85
C GLY B 106 -16.65 -10.20 -23.15
N LEU B 107 -17.40 -10.06 -22.05
CA LEU B 107 -17.40 -8.79 -21.33
C LEU B 107 -16.26 -8.74 -20.30
N LEU B 108 -15.49 -9.81 -20.26
CA LEU B 108 -14.30 -9.92 -19.41
C LEU B 108 -14.43 -9.59 -17.93
N GLY B 109 -15.66 -9.62 -17.41
CA GLY B 109 -15.89 -9.32 -16.01
C GLY B 109 -15.78 -7.83 -15.70
N LEU B 110 -15.79 -7.01 -16.76
CA LEU B 110 -15.65 -5.57 -16.61
C LEU B 110 -16.90 -4.74 -16.91
N PHE B 111 -17.76 -5.25 -17.77
CA PHE B 111 -18.96 -4.49 -18.13
C PHE B 111 -20.26 -5.26 -18.04
N ALA B 112 -21.35 -4.52 -17.82
CA ALA B 112 -22.69 -5.12 -17.75
C ALA B 112 -23.19 -5.11 -19.19
N PRO B 113 -23.93 -6.15 -19.60
CA PRO B 113 -24.44 -6.22 -20.97
C PRO B 113 -25.19 -4.98 -21.43
N GLY B 114 -26.08 -4.46 -20.59
CA GLY B 114 -26.87 -3.30 -20.94
C GLY B 114 -26.12 -2.02 -21.27
N THR B 115 -24.93 -1.84 -20.70
CA THR B 115 -24.17 -0.61 -20.96
C THR B 115 -22.73 -0.85 -21.39
N ALA B 116 -22.44 -2.07 -21.83
CA ALA B 116 -21.08 -2.45 -22.24
C ALA B 116 -20.47 -1.51 -23.28
N GLN B 117 -21.30 -0.87 -24.10
CA GLN B 117 -20.76 0.03 -25.12
C GLN B 117 -21.23 1.46 -24.93
N ASN B 118 -21.73 1.77 -23.74
CA ASN B 118 -22.18 3.12 -23.43
C ASN B 118 -21.08 3.79 -22.62
N THR B 119 -20.27 4.63 -23.26
CA THR B 119 -19.17 5.30 -22.59
C THR B 119 -19.57 6.23 -21.45
N SER B 120 -20.83 6.66 -21.44
CA SER B 120 -21.30 7.57 -20.40
C SER B 120 -21.76 6.84 -19.15
N ALA B 121 -21.89 5.52 -19.24
CA ALA B 121 -22.35 4.74 -18.09
C ALA B 121 -21.24 3.97 -17.37
N ASN B 122 -20.00 4.15 -17.83
CA ASN B 122 -18.89 3.43 -17.21
C ASN B 122 -17.73 4.33 -16.79
N GLN B 123 -16.90 3.81 -15.89
CA GLN B 123 -15.72 4.50 -15.41
C GLN B 123 -14.64 3.43 -15.30
N VAL B 124 -13.93 3.20 -16.40
CA VAL B 124 -12.90 2.18 -16.39
C VAL B 124 -11.93 2.34 -17.56
N ILE B 125 -10.66 2.11 -17.27
CA ILE B 125 -9.62 2.12 -18.29
C ILE B 125 -9.03 0.73 -18.15
N ALA B 126 -8.93 0.02 -19.25
CA ALA B 126 -8.37 -1.33 -19.19
C ALA B 126 -7.55 -1.64 -20.42
N VAL B 127 -6.58 -2.52 -20.24
CA VAL B 127 -5.75 -2.98 -21.34
C VAL B 127 -6.11 -4.46 -21.42
N GLU B 128 -6.75 -4.86 -22.50
CA GLU B 128 -7.17 -6.24 -22.65
C GLU B 128 -6.32 -7.06 -23.61
N PHE B 129 -6.24 -8.36 -23.33
CA PHE B 129 -5.53 -9.33 -24.15
C PHE B 129 -6.69 -10.28 -24.43
N ASP B 130 -7.31 -10.03 -25.57
CA ASP B 130 -8.53 -10.70 -26.01
C ASP B 130 -8.28 -11.81 -27.02
N THR B 131 -8.58 -13.04 -26.63
CA THR B 131 -8.33 -14.20 -27.50
C THR B 131 -9.56 -14.75 -28.24
N PHE B 132 -10.74 -14.22 -27.92
CA PHE B 132 -11.95 -14.73 -28.55
C PHE B 132 -12.62 -13.59 -29.29
N TYR B 133 -12.84 -13.76 -30.58
CA TYR B 133 -13.39 -12.69 -31.40
C TYR B 133 -14.50 -13.12 -32.36
N ALA B 134 -15.19 -14.21 -32.05
CA ALA B 134 -16.28 -14.68 -32.91
C ALA B 134 -17.20 -13.49 -33.21
N GLN B 135 -17.34 -13.16 -34.49
CA GLN B 135 -18.13 -12.02 -34.93
C GLN B 135 -19.62 -12.11 -34.67
N ASP B 136 -20.11 -13.28 -34.27
CA ASP B 136 -21.53 -13.45 -34.00
C ASP B 136 -21.87 -13.17 -32.54
N SER B 137 -20.90 -13.37 -31.65
CA SER B 137 -21.13 -13.13 -30.23
C SER B 137 -20.35 -11.90 -29.73
N ASN B 138 -19.09 -11.77 -30.17
CA ASN B 138 -18.26 -10.62 -29.79
C ASN B 138 -18.27 -9.68 -30.98
N THR B 139 -19.44 -9.13 -31.27
CA THR B 139 -19.62 -8.24 -32.42
C THR B 139 -18.77 -6.98 -32.45
N TRP B 140 -18.36 -6.51 -31.28
CA TRP B 140 -17.54 -5.30 -31.17
C TRP B 140 -16.06 -5.51 -31.49
N ASP B 141 -15.63 -6.77 -31.53
CA ASP B 141 -14.22 -7.08 -31.80
C ASP B 141 -13.79 -7.13 -33.24
N PRO B 142 -12.49 -6.87 -33.48
CA PRO B 142 -11.91 -6.94 -34.83
C PRO B 142 -11.86 -8.46 -35.01
N ASN B 143 -11.72 -8.95 -36.24
CA ASN B 143 -11.71 -10.39 -36.44
C ASN B 143 -10.35 -11.08 -36.34
N TYR B 144 -9.79 -11.05 -35.13
CA TYR B 144 -8.50 -11.68 -34.84
C TYR B 144 -8.13 -11.38 -33.39
N PRO B 145 -7.24 -12.20 -32.80
CA PRO B 145 -6.81 -11.98 -31.41
C PRO B 145 -6.12 -10.62 -31.37
N HIS B 146 -6.27 -9.91 -30.26
CA HIS B 146 -5.71 -8.56 -30.21
C HIS B 146 -5.48 -8.04 -28.81
N ILE B 147 -4.68 -6.99 -28.74
CA ILE B 147 -4.43 -6.28 -27.50
C ILE B 147 -5.27 -5.04 -27.72
N GLY B 148 -6.06 -4.65 -26.73
CA GLY B 148 -6.88 -3.47 -26.90
C GLY B 148 -6.85 -2.54 -25.70
N ILE B 149 -7.10 -1.26 -25.96
CA ILE B 149 -7.15 -0.28 -24.90
C ILE B 149 -8.63 0.06 -24.80
N ASP B 150 -9.20 -0.15 -23.62
CA ASP B 150 -10.61 0.09 -23.40
C ASP B 150 -10.85 1.28 -22.49
N VAL B 151 -11.65 2.24 -22.95
CA VAL B 151 -11.96 3.42 -22.16
C VAL B 151 -13.48 3.51 -22.08
N ASN B 152 -14.03 3.06 -20.96
CA ASN B 152 -15.46 3.06 -20.68
C ASN B 152 -16.32 2.24 -21.64
N SER B 153 -15.68 1.36 -22.40
CA SER B 153 -16.42 0.51 -23.35
C SER B 153 -15.66 -0.76 -23.72
N ILE B 154 -16.40 -1.83 -23.96
CA ILE B 154 -15.78 -3.11 -24.34
C ILE B 154 -15.31 -3.01 -25.80
N ARG B 155 -15.84 -2.02 -26.52
CA ARG B 155 -15.42 -1.78 -27.89
C ARG B 155 -14.19 -0.91 -27.75
N SER B 156 -13.01 -1.51 -27.88
CA SER B 156 -11.74 -0.81 -27.71
C SER B 156 -11.57 0.46 -28.53
N VAL B 157 -10.96 1.48 -27.94
CA VAL B 157 -10.72 2.72 -28.66
C VAL B 157 -9.62 2.43 -29.66
N LYS B 158 -8.90 1.34 -29.42
CA LYS B 158 -7.84 0.93 -30.32
C LYS B 158 -7.35 -0.48 -30.05
N THR B 159 -7.00 -1.20 -31.11
CA THR B 159 -6.49 -2.56 -30.99
C THR B 159 -5.33 -2.76 -31.96
N VAL B 160 -4.53 -3.78 -31.67
CA VAL B 160 -3.44 -4.16 -32.56
C VAL B 160 -3.46 -5.68 -32.59
N LYS B 161 -3.05 -6.24 -33.72
CA LYS B 161 -3.03 -7.69 -33.89
C LYS B 161 -2.07 -8.31 -32.88
N TRP B 162 -2.50 -9.42 -32.29
CA TRP B 162 -1.70 -10.10 -31.29
C TRP B 162 -1.74 -11.60 -31.54
N ASP B 163 -0.68 -12.30 -31.15
CA ASP B 163 -0.62 -13.74 -31.33
CA ASP B 163 -0.61 -13.74 -31.33
C ASP B 163 -0.74 -14.43 -29.98
N ARG B 164 -1.74 -15.30 -29.85
CA ARG B 164 -1.94 -16.04 -28.61
C ARG B 164 -1.00 -17.24 -28.68
N ARG B 165 -0.18 -17.45 -27.65
CA ARG B 165 0.73 -18.58 -27.63
C ARG B 165 0.45 -19.38 -26.38
N ASP B 166 -0.08 -20.58 -26.56
CA ASP B 166 -0.46 -21.44 -25.45
C ASP B 166 0.70 -21.77 -24.52
N GLY B 167 0.50 -21.49 -23.24
CA GLY B 167 1.53 -21.80 -22.25
C GLY B 167 2.77 -20.93 -22.20
N GLN B 168 2.86 -19.90 -23.05
CA GLN B 168 4.03 -19.02 -23.04
CA GLN B 168 4.03 -19.02 -23.06
C GLN B 168 3.73 -17.74 -22.29
N SER B 169 4.64 -17.32 -21.43
CA SER B 169 4.42 -16.10 -20.67
C SER B 169 4.63 -14.84 -21.50
N LEU B 170 3.73 -13.87 -21.31
CA LEU B 170 3.83 -12.60 -22.01
C LEU B 170 4.19 -11.57 -20.95
N ASN B 171 5.24 -10.79 -21.18
CA ASN B 171 5.63 -9.74 -20.25
C ASN B 171 5.05 -8.44 -20.78
N VAL B 172 4.40 -7.68 -19.92
CA VAL B 172 3.75 -6.45 -20.33
C VAL B 172 4.15 -5.26 -19.46
N LEU B 173 4.37 -4.12 -20.11
CA LEU B 173 4.67 -2.89 -19.39
C LEU B 173 3.64 -1.86 -19.84
N VAL B 174 2.86 -1.35 -18.89
CA VAL B 174 1.84 -0.34 -19.17
C VAL B 174 2.27 0.93 -18.44
N THR B 175 2.39 2.03 -19.17
CA THR B 175 2.81 3.28 -18.54
C THR B 175 1.91 4.43 -18.94
N PHE B 176 1.81 5.43 -18.07
CA PHE B 176 1.02 6.61 -18.35
C PHE B 176 1.87 7.80 -17.96
N ASN B 177 2.05 8.72 -18.91
CA ASN B 177 2.84 9.93 -18.70
C ASN B 177 1.84 11.08 -18.70
N PRO B 178 1.62 11.73 -17.54
CA PRO B 178 0.67 12.85 -17.44
C PRO B 178 1.04 14.08 -18.28
N SER B 179 2.32 14.21 -18.63
CA SER B 179 2.76 15.36 -19.41
C SER B 179 2.26 15.28 -20.85
N THR B 180 2.31 14.09 -21.42
CA THR B 180 1.88 13.86 -22.81
C THR B 180 0.50 13.22 -22.84
N ARG B 181 0.07 12.71 -21.69
CA ARG B 181 -1.21 12.02 -21.53
C ARG B 181 -1.24 10.74 -22.35
N ASN B 182 -0.06 10.19 -22.62
CA ASN B 182 -0.01 8.95 -23.39
C ASN B 182 -0.01 7.72 -22.50
N LEU B 183 -0.89 6.79 -22.84
CA LEU B 183 -0.97 5.51 -22.14
C LEU B 183 -0.28 4.57 -23.13
N ASP B 184 0.90 4.08 -22.76
CA ASP B 184 1.66 3.19 -23.64
C ASP B 184 1.64 1.75 -23.16
N VAL B 185 1.55 0.83 -24.11
CA VAL B 185 1.56 -0.59 -23.80
C VAL B 185 2.64 -1.27 -24.65
N VAL B 186 3.51 -2.04 -23.98
CA VAL B 186 4.55 -2.78 -24.68
C VAL B 186 4.48 -4.20 -24.15
N ALA B 187 4.30 -5.17 -25.03
CA ALA B 187 4.22 -6.57 -24.59
C ALA B 187 5.21 -7.40 -25.38
N THR B 188 5.86 -8.35 -24.71
CA THR B 188 6.84 -9.17 -25.40
C THR B 188 6.83 -10.63 -24.96
N TYR B 189 7.14 -11.52 -25.90
CA TYR B 189 7.27 -12.94 -25.59
C TYR B 189 8.77 -13.16 -25.41
N SER B 190 9.16 -14.31 -24.86
CA SER B 190 10.56 -14.60 -24.59
C SER B 190 11.49 -14.69 -25.81
N ASP B 191 10.92 -14.78 -27.00
CA ASP B 191 11.74 -14.89 -28.21
C ASP B 191 11.98 -13.51 -28.82
N GLY B 192 11.54 -12.47 -28.12
CA GLY B 192 11.73 -11.12 -28.63
C GLY B 192 10.58 -10.53 -29.41
N THR B 193 9.54 -11.32 -29.68
CA THR B 193 8.39 -10.81 -30.42
C THR B 193 7.75 -9.72 -29.58
N ARG B 194 7.56 -8.56 -30.19
CA ARG B 194 7.04 -7.38 -29.50
C ARG B 194 5.77 -6.80 -30.11
N TYR B 195 4.91 -6.27 -29.24
CA TYR B 195 3.66 -5.61 -29.64
C TYR B 195 3.65 -4.27 -28.92
N GLU B 196 3.24 -3.21 -29.61
CA GLU B 196 3.18 -1.88 -29.01
C GLU B 196 1.91 -1.16 -29.44
N VAL B 197 1.28 -0.46 -28.49
CA VAL B 197 0.08 0.30 -28.80
C VAL B 197 0.01 1.46 -27.81
N SER B 198 -0.41 2.63 -28.30
CA SER B 198 -0.47 3.81 -27.45
C SER B 198 -1.75 4.60 -27.71
N TYR B 199 -2.21 5.32 -26.69
CA TYR B 199 -3.42 6.10 -26.83
C TYR B 199 -3.34 7.33 -25.94
N GLU B 200 -3.80 8.47 -26.44
CA GLU B 200 -3.76 9.69 -25.64
C GLU B 200 -5.09 9.84 -24.92
N VAL B 201 -5.04 9.90 -23.59
CA VAL B 201 -6.25 10.04 -22.81
C VAL B 201 -6.03 10.84 -21.54
N ASP B 202 -6.96 11.73 -21.22
CA ASP B 202 -6.88 12.52 -20.00
C ASP B 202 -7.62 11.71 -18.96
N VAL B 203 -6.88 11.03 -18.09
CA VAL B 203 -7.51 10.20 -17.08
C VAL B 203 -8.45 10.96 -16.15
N ARG B 204 -8.24 12.26 -16.01
CA ARG B 204 -9.07 13.07 -15.13
C ARG B 204 -10.53 13.16 -15.58
N SER B 205 -10.79 12.98 -16.87
CA SER B 205 -12.17 13.07 -17.37
C SER B 205 -12.83 11.70 -17.42
N VAL B 206 -12.10 10.67 -17.03
CA VAL B 206 -12.63 9.31 -17.05
C VAL B 206 -12.76 8.66 -15.67
N LEU B 207 -11.79 8.89 -14.80
CA LEU B 207 -11.76 8.27 -13.48
C LEU B 207 -11.72 9.26 -12.31
N PRO B 208 -12.19 8.82 -11.13
CA PRO B 208 -12.19 9.66 -9.94
C PRO B 208 -10.75 9.83 -9.44
N GLU B 209 -10.54 10.75 -8.50
CA GLU B 209 -9.21 11.02 -7.96
C GLU B 209 -8.53 9.79 -7.37
N TRP B 210 -9.30 8.99 -6.64
CA TRP B 210 -8.77 7.77 -6.04
C TRP B 210 -9.37 6.56 -6.73
N VAL B 211 -8.52 5.58 -7.03
CA VAL B 211 -8.98 4.38 -7.73
C VAL B 211 -8.28 3.14 -7.19
N ARG B 212 -8.69 1.99 -7.69
CA ARG B 212 -8.03 0.75 -7.34
C ARG B 212 -7.57 0.15 -8.66
N VAL B 213 -6.50 -0.63 -8.60
CA VAL B 213 -5.98 -1.26 -9.80
C VAL B 213 -5.96 -2.77 -9.63
N GLY B 214 -6.13 -3.47 -10.74
CA GLY B 214 -6.14 -4.92 -10.64
C GLY B 214 -6.25 -5.61 -11.99
N PHE B 215 -6.67 -6.87 -11.95
CA PHE B 215 -6.83 -7.68 -13.15
C PHE B 215 -8.16 -8.39 -13.16
N SER B 216 -8.65 -8.68 -14.35
CA SER B 216 -9.91 -9.37 -14.51
C SER B 216 -9.77 -10.34 -15.68
N ALA B 217 -10.52 -11.44 -15.62
CA ALA B 217 -10.49 -12.42 -16.71
C ALA B 217 -11.79 -13.18 -16.63
N ALA B 218 -12.17 -13.81 -17.74
CA ALA B 218 -13.40 -14.57 -17.78
C ALA B 218 -13.35 -15.60 -18.89
N SER B 219 -14.23 -16.59 -18.78
CA SER B 219 -14.39 -17.64 -19.78
C SER B 219 -15.88 -17.91 -19.88
N GLY B 220 -16.40 -17.93 -21.09
CA GLY B 220 -17.82 -18.19 -21.30
C GLY B 220 -17.98 -19.64 -21.70
N GLU B 221 -18.49 -19.90 -22.90
CA GLU B 221 -18.65 -21.28 -23.34
CA GLU B 221 -18.67 -21.26 -23.38
C GLU B 221 -17.30 -21.91 -23.69
N GLN B 222 -16.36 -21.08 -24.16
CA GLN B 222 -15.02 -21.57 -24.46
C GLN B 222 -14.18 -21.12 -23.27
N TYR B 223 -13.08 -21.82 -23.01
CA TYR B 223 -12.29 -21.51 -21.83
C TYR B 223 -10.79 -21.73 -21.94
N GLN B 224 -10.07 -21.20 -20.96
CA GLN B 224 -8.61 -21.29 -20.88
C GLN B 224 -8.23 -20.76 -19.50
N THR B 225 -7.05 -21.14 -19.00
CA THR B 225 -6.62 -20.59 -17.72
C THR B 225 -6.10 -19.19 -18.00
N HIS B 226 -6.19 -18.32 -16.98
CA HIS B 226 -5.68 -16.95 -17.08
C HIS B 226 -4.83 -16.82 -15.84
N THR B 227 -3.54 -17.10 -15.99
CA THR B 227 -2.61 -17.11 -14.89
C THR B 227 -1.71 -15.89 -14.76
N LEU B 228 -1.91 -15.12 -13.70
CA LEU B 228 -1.09 -13.92 -13.45
C LEU B 228 0.10 -14.43 -12.65
N GLU B 229 1.29 -14.28 -13.23
CA GLU B 229 2.52 -14.80 -12.64
C GLU B 229 3.33 -13.82 -11.81
N SER B 230 3.30 -12.54 -12.17
CA SER B 230 4.05 -11.53 -11.43
C SER B 230 3.45 -10.15 -11.70
N TRP B 231 3.69 -9.20 -10.80
CA TRP B 231 3.14 -7.85 -10.98
C TRP B 231 3.84 -6.82 -10.11
N SER B 232 4.23 -5.70 -10.71
CA SER B 232 4.85 -4.62 -9.95
C SER B 232 4.12 -3.37 -10.41
N PHE B 233 3.93 -2.42 -9.50
CA PHE B 233 3.23 -1.19 -9.82
C PHE B 233 3.82 -0.04 -9.05
N THR B 234 3.88 1.12 -9.69
CA THR B 234 4.39 2.31 -9.04
C THR B 234 3.62 3.51 -9.58
N SER B 235 3.30 4.44 -8.70
CA SER B 235 2.59 5.66 -9.11
CA SER B 235 2.57 5.65 -9.09
C SER B 235 3.06 6.83 -8.26
N THR B 236 3.20 7.98 -8.88
CA THR B 236 3.62 9.18 -8.17
CA THR B 236 3.64 9.18 -8.17
C THR B 236 2.96 10.41 -8.78
N LEU B 237 2.39 11.26 -7.93
CA LEU B 237 1.74 12.47 -8.41
C LEU B 237 2.75 13.48 -8.90
N LEU B 238 2.51 14.03 -10.09
CA LEU B 238 3.38 15.04 -10.70
C LEU B 238 2.59 16.27 -11.13
N TYR B 239 3.21 17.43 -11.08
CA TYR B 239 2.54 18.65 -11.49
C TYR B 239 2.52 18.74 -13.02
N THR B 240 1.36 19.06 -13.57
CA THR B 240 1.20 19.20 -15.03
C THR B 240 0.01 20.10 -15.34
#